data_1FAC
# 
_entry.id   1FAC 
# 
_audit_conform.dict_name       mmcif_pdbx.dic 
_audit_conform.dict_version    5.392 
_audit_conform.dict_location   http://mmcif.pdb.org/dictionaries/ascii/mmcif_pdbx.dic 
# 
loop_
_database_2.database_id 
_database_2.database_code 
_database_2.pdbx_database_accession 
_database_2.pdbx_DOI 
PDB   1FAC         pdb_00001fac 10.2210/pdb1fac/pdb 
WWPDB D_1000173202 ?            ?                   
# 
loop_
_pdbx_audit_revision_history.ordinal 
_pdbx_audit_revision_history.data_content_type 
_pdbx_audit_revision_history.major_revision 
_pdbx_audit_revision_history.minor_revision 
_pdbx_audit_revision_history.revision_date 
1 'Structure model' 1 0 1997-01-11 
2 'Structure model' 1 1 2008-03-24 
3 'Structure model' 1 2 2011-07-13 
4 'Structure model' 1 3 2022-02-23 
5 'Structure model' 1 4 2024-05-22 
# 
_pdbx_audit_revision_details.ordinal             1 
_pdbx_audit_revision_details.revision_ordinal    1 
_pdbx_audit_revision_details.data_content_type   'Structure model' 
_pdbx_audit_revision_details.provider            repository 
_pdbx_audit_revision_details.type                'Initial release' 
_pdbx_audit_revision_details.description         ? 
_pdbx_audit_revision_details.details             ? 
# 
loop_
_pdbx_audit_revision_group.ordinal 
_pdbx_audit_revision_group.revision_ordinal 
_pdbx_audit_revision_group.data_content_type 
_pdbx_audit_revision_group.group 
1 2 'Structure model' 'Version format compliance' 
2 3 'Structure model' 'Version format compliance' 
3 4 'Structure model' 'Data collection'           
4 4 'Structure model' 'Database references'       
5 4 'Structure model' 'Derived calculations'      
6 4 'Structure model' Other                       
7 5 'Structure model' 'Data collection'           
# 
loop_
_pdbx_audit_revision_category.ordinal 
_pdbx_audit_revision_category.revision_ordinal 
_pdbx_audit_revision_category.data_content_type 
_pdbx_audit_revision_category.category 
1 4 'Structure model' database_2            
2 4 'Structure model' pdbx_database_status  
3 4 'Structure model' pdbx_nmr_software     
4 4 'Structure model' pdbx_struct_assembly  
5 4 'Structure model' pdbx_struct_oper_list 
6 5 'Structure model' chem_comp_atom        
7 5 'Structure model' chem_comp_bond        
# 
loop_
_pdbx_audit_revision_item.ordinal 
_pdbx_audit_revision_item.revision_ordinal 
_pdbx_audit_revision_item.data_content_type 
_pdbx_audit_revision_item.item 
1 4 'Structure model' '_database_2.pdbx_DOI'                
2 4 'Structure model' '_database_2.pdbx_database_accession' 
3 4 'Structure model' '_pdbx_database_status.process_site'  
4 4 'Structure model' '_pdbx_nmr_software.name'             
# 
_pdbx_database_status.status_code                     REL 
_pdbx_database_status.entry_id                        1FAC 
_pdbx_database_status.recvd_initial_deposition_date   1996-06-30 
_pdbx_database_status.deposit_site                    ? 
_pdbx_database_status.process_site                    BNL 
_pdbx_database_status.SG_entry                        . 
_pdbx_database_status.pdb_format_compatible           Y 
_pdbx_database_status.status_code_mr                  ? 
_pdbx_database_status.status_code_sf                  ? 
_pdbx_database_status.status_code_cs                  ? 
_pdbx_database_status.status_code_nmr_data            ? 
_pdbx_database_status.methods_development_category    ? 
# 
loop_
_audit_author.name 
_audit_author.pdbx_ordinal 
'Veeraraghavan, S.' 1 
'Baleja, J.D.'      2 
'Gilbert, G.E.'     3 
# 
_citation.id                        primary 
_citation.title                     
'Structure and topography of the membrane-binding C2 domain of factor VIII in the presence of dodecylphosphocholine micelles.' 
_citation.journal_abbrev            Biochem.J. 
_citation.journal_volume            332 
_citation.page_first                549 
_citation.page_last                 555 
_citation.year                      1998 
_citation.journal_id_ASTM           BIJOAK 
_citation.country                   UK 
_citation.journal_id_ISSN           0264-6021 
_citation.journal_id_CSD            0043 
_citation.book_publisher            ? 
_citation.pdbx_database_id_PubMed   9601086 
_citation.pdbx_database_id_DOI      ? 
# 
loop_
_citation_author.citation_id 
_citation_author.name 
_citation_author.ordinal 
_citation_author.identifier_ORCID 
primary 'Veeraraghavan, S.' 1 ? 
primary 'Baleja, J.D.'      2 ? 
primary 'Gilbert, G.E.'     3 ? 
# 
_entity.id                         1 
_entity.type                       polymer 
_entity.src_method                 man 
_entity.pdbx_description           'COAGULATION FACTOR VIII' 
_entity.formula_weight             2639.108 
_entity.pdbx_number_of_molecules   1 
_entity.pdbx_ec                    ? 
_entity.pdbx_mutation              ? 
_entity.pdbx_fragment              ? 
_entity.details                    ? 
# 
_entity_poly.entity_id                      1 
_entity_poly.type                           'polypeptide(L)' 
_entity_poly.nstd_linkage                   no 
_entity_poly.nstd_monomer                   no 
_entity_poly.pdbx_seq_one_letter_code       TRYLRIHPQSWVHQIALRMEV 
_entity_poly.pdbx_seq_one_letter_code_can   TRYLRIHPQSWVHQIALRMEV 
_entity_poly.pdbx_strand_id                 A 
_entity_poly.pdbx_target_identifier         ? 
# 
loop_
_entity_poly_seq.entity_id 
_entity_poly_seq.num 
_entity_poly_seq.mon_id 
_entity_poly_seq.hetero 
1 1  THR n 
1 2  ARG n 
1 3  TYR n 
1 4  LEU n 
1 5  ARG n 
1 6  ILE n 
1 7  HIS n 
1 8  PRO n 
1 9  GLN n 
1 10 SER n 
1 11 TRP n 
1 12 VAL n 
1 13 HIS n 
1 14 GLN n 
1 15 ILE n 
1 16 ALA n 
1 17 LEU n 
1 18 ARG n 
1 19 MET n 
1 20 GLU n 
1 21 VAL n 
# 
_entity_src_gen.entity_id                          1 
_entity_src_gen.pdbx_src_id                        1 
_entity_src_gen.pdbx_alt_source_flag               sample 
_entity_src_gen.pdbx_seq_type                      ? 
_entity_src_gen.pdbx_beg_seq_num                   ? 
_entity_src_gen.pdbx_end_seq_num                   ? 
_entity_src_gen.gene_src_common_name               human 
_entity_src_gen.gene_src_genus                     Homo 
_entity_src_gen.pdbx_gene_src_gene                 ? 
_entity_src_gen.gene_src_species                   ? 
_entity_src_gen.gene_src_strain                    ? 
_entity_src_gen.gene_src_tissue                    ? 
_entity_src_gen.gene_src_tissue_fraction           ? 
_entity_src_gen.gene_src_details                   ? 
_entity_src_gen.pdbx_gene_src_fragment             ? 
_entity_src_gen.pdbx_gene_src_scientific_name      'Homo sapiens' 
_entity_src_gen.pdbx_gene_src_ncbi_taxonomy_id     9606 
_entity_src_gen.pdbx_gene_src_variant              ? 
_entity_src_gen.pdbx_gene_src_cell_line            ? 
_entity_src_gen.pdbx_gene_src_atcc                 ? 
_entity_src_gen.pdbx_gene_src_organ                ? 
_entity_src_gen.pdbx_gene_src_organelle            ? 
_entity_src_gen.pdbx_gene_src_cell                 ? 
_entity_src_gen.pdbx_gene_src_cellular_location    ? 
_entity_src_gen.host_org_common_name               ? 
_entity_src_gen.pdbx_host_org_scientific_name      ? 
_entity_src_gen.pdbx_host_org_ncbi_taxonomy_id     ? 
_entity_src_gen.host_org_genus                     ? 
_entity_src_gen.pdbx_host_org_gene                 ? 
_entity_src_gen.pdbx_host_org_organ                ? 
_entity_src_gen.host_org_species                   ? 
_entity_src_gen.pdbx_host_org_tissue               ? 
_entity_src_gen.pdbx_host_org_tissue_fraction      ? 
_entity_src_gen.pdbx_host_org_strain               ? 
_entity_src_gen.pdbx_host_org_variant              ? 
_entity_src_gen.pdbx_host_org_cell_line            ? 
_entity_src_gen.pdbx_host_org_atcc                 ? 
_entity_src_gen.pdbx_host_org_culture_collection   ? 
_entity_src_gen.pdbx_host_org_cell                 ? 
_entity_src_gen.pdbx_host_org_organelle            ? 
_entity_src_gen.pdbx_host_org_cellular_location    ? 
_entity_src_gen.pdbx_host_org_vector_type          ? 
_entity_src_gen.pdbx_host_org_vector               ? 
_entity_src_gen.host_org_details                   ? 
_entity_src_gen.expression_system_id               ? 
_entity_src_gen.plasmid_name                       ? 
_entity_src_gen.plasmid_details                    ? 
_entity_src_gen.pdbx_description                   ? 
# 
loop_
_chem_comp.id 
_chem_comp.type 
_chem_comp.mon_nstd_flag 
_chem_comp.name 
_chem_comp.pdbx_synonyms 
_chem_comp.formula 
_chem_comp.formula_weight 
ALA 'L-peptide linking' y ALANINE         ? 'C3 H7 N O2'     89.093  
ARG 'L-peptide linking' y ARGININE        ? 'C6 H15 N4 O2 1' 175.209 
GLN 'L-peptide linking' y GLUTAMINE       ? 'C5 H10 N2 O3'   146.144 
GLU 'L-peptide linking' y 'GLUTAMIC ACID' ? 'C5 H9 N O4'     147.129 
HIS 'L-peptide linking' y HISTIDINE       ? 'C6 H10 N3 O2 1' 156.162 
ILE 'L-peptide linking' y ISOLEUCINE      ? 'C6 H13 N O2'    131.173 
LEU 'L-peptide linking' y LEUCINE         ? 'C6 H13 N O2'    131.173 
MET 'L-peptide linking' y METHIONINE      ? 'C5 H11 N O2 S'  149.211 
PRO 'L-peptide linking' y PROLINE         ? 'C5 H9 N O2'     115.130 
SER 'L-peptide linking' y SERINE          ? 'C3 H7 N O3'     105.093 
THR 'L-peptide linking' y THREONINE       ? 'C4 H9 N O3'     119.119 
TRP 'L-peptide linking' y TRYPTOPHAN      ? 'C11 H12 N2 O2'  204.225 
TYR 'L-peptide linking' y TYROSINE        ? 'C9 H11 N O3'    181.189 
VAL 'L-peptide linking' y VALINE          ? 'C5 H11 N O2'    117.146 
# 
loop_
_pdbx_poly_seq_scheme.asym_id 
_pdbx_poly_seq_scheme.entity_id 
_pdbx_poly_seq_scheme.seq_id 
_pdbx_poly_seq_scheme.mon_id 
_pdbx_poly_seq_scheme.ndb_seq_num 
_pdbx_poly_seq_scheme.pdb_seq_num 
_pdbx_poly_seq_scheme.auth_seq_num 
_pdbx_poly_seq_scheme.pdb_mon_id 
_pdbx_poly_seq_scheme.auth_mon_id 
_pdbx_poly_seq_scheme.pdb_strand_id 
_pdbx_poly_seq_scheme.pdb_ins_code 
_pdbx_poly_seq_scheme.hetero 
A 1 1  THR 1  1  1  THR THR A . n 
A 1 2  ARG 2  2  2  ARG ARG A . n 
A 1 3  TYR 3  3  3  TYR TYR A . n 
A 1 4  LEU 4  4  4  LEU LEU A . n 
A 1 5  ARG 5  5  5  ARG ARG A . n 
A 1 6  ILE 6  6  6  ILE ILE A . n 
A 1 7  HIS 7  7  7  HIS HIS A . n 
A 1 8  PRO 8  8  8  PRO PRO A . n 
A 1 9  GLN 9  9  9  GLN GLN A . n 
A 1 10 SER 10 10 10 SER SER A . n 
A 1 11 TRP 11 11 11 TRP TRP A . n 
A 1 12 VAL 12 12 12 VAL VAL A . n 
A 1 13 HIS 13 13 13 HIS HIS A . n 
A 1 14 GLN 14 14 14 GLN GLN A . n 
A 1 15 ILE 15 15 15 ILE ILE A . n 
A 1 16 ALA 16 16 16 ALA ALA A . n 
A 1 17 LEU 17 17 17 LEU LEU A . n 
A 1 18 ARG 18 18 18 ARG ARG A . n 
A 1 19 MET 19 19 19 MET MET A . n 
A 1 20 GLU 20 20 20 GLU GLU A . n 
A 1 21 VAL 21 21 21 VAL VAL A . n 
# 
_cell.entry_id           1FAC 
_cell.length_a           1.000 
_cell.length_b           1.000 
_cell.length_c           1.000 
_cell.angle_alpha        90.00 
_cell.angle_beta         90.00 
_cell.angle_gamma        90.00 
_cell.Z_PDB              1 
_cell.pdbx_unique_axis   ? 
# 
_symmetry.entry_id                         1FAC 
_symmetry.space_group_name_H-M             'P 1' 
_symmetry.pdbx_full_space_group_name_H-M   ? 
_symmetry.cell_setting                     ? 
_symmetry.Int_Tables_number                1 
# 
_exptl.entry_id          1FAC 
_exptl.method            'SOLUTION NMR' 
_exptl.crystals_number   ? 
# 
_struct.entry_id                  1FAC 
_struct.title                     'COAGULATION FACTOR VIII, NMR, 1 STRUCTURE' 
_struct.pdbx_model_details        ? 
_struct.pdbx_CASP_flag            ? 
_struct.pdbx_model_type_details   ? 
# 
_struct_keywords.entry_id        1FAC 
_struct_keywords.pdbx_keywords   'COAGULATION FACTOR' 
_struct_keywords.text            'COAGULATION FACTOR' 
# 
_struct_asym.id                            A 
_struct_asym.pdbx_blank_PDB_chainid_flag   Y 
_struct_asym.pdbx_modified                 N 
_struct_asym.entity_id                     1 
_struct_asym.details                       ? 
# 
_struct_ref.id                         1 
_struct_ref.db_name                    UNP 
_struct_ref.db_code                    FA8_HUMAN 
_struct_ref.entity_id                  1 
_struct_ref.pdbx_db_accession          P00451 
_struct_ref.pdbx_align_begin           1 
_struct_ref.pdbx_seq_one_letter_code   
;MQIELSTCFFLCLLRFCFSATRRYYLGAVELSWDYMQSDLGELPVDARFPPRVPKSFPFNTSVVYKKTLFVEFTDHLFNI
AKPRPPWMGLLGPTIQAEVYDTVVITLKNMASHPVSLHAVGVSYWKASEGAEYDDQTSQREKEDDKVFPGGSHTYVWQVL
KENGPMASDPLCLTYSYLSHVDLVKDLNSGLIGALLVCREGSLAKEKTQTLHKFILLFAVFDEGKSWHSETKNSLMQDRD
AASARAWPKMHTVNGYVNRSLPGLIGCHRKSVYWHVIGMGTTPEVHSIFLEGHTFLVRNHRQASLEISPITFLTAQTLLM
DLGQFLLFCHISSHQHDGMEAYVKVDSCPEEPQLRMKNNEEAEDYDDDLTDSEMDVVRFDDDNSPSFIQIRSVAKKHPKT
WVHYIAAEEEDWDYAPLVLAPDDRSYKSQYLNNGPQRIGRKYKKVRFMAYTDETFKTREAIQHESGILGPLLYGEVGDTL
LIIFKNQASRPYNIYPHGITDVRPLYSRRLPKGVKHLKDFPILPGEIFKYKWTVTVEDGPTKSDPRCLTRYYSSFVNMER
DLASGLIGPLLICYKESVDQRGNQIMSDKRNVILFSVFDENRSWYLTENIQRFLPNPAGVQLEDPEFQASNIMHSINGYV
FDSLQLSVCLHEVAYWYILSIGAQTDFLSVFFSGYTFKHKMVYEDTLTLFPFSGETVFMSMENPGLWILGCHNSDFRNRG
MTALLKVSSCDKNTGDYYEDSYEDISAYLLSKNNAIEPRSFSQNSRHPSTRQKQFNATTIPENDIEKTDPWFAHRTPMPK
IQNVSSSDLLMLLRQSPTPHGLSLSDLQEAKYETFSDDPSPGAIDSNNSLSEMTHFRPQLHHSGDMVFTPESGLQLRLNE
KLGTTAATELKKLDFKVSSTSNNLISTIPSDNLAAGTDNTSSLGPPSMPVHYDSQLDTTLFGKKSSPLTESGGPLSLSEE
NNDSKLLESGLMNSQESSWGKNVSSTESGRLFKGKRAHGPALLTKDNALFKVSISLLKTNKTSNNSATNRKTHIDGPSLL
IENSPSVWQNILESDTEFKKVTPLIHDRMLMDKNATALRLNHMSNKTTSSKNMEMVQQKKEGPIPPDAQNPDMSFFKMLF
LPESARWIQRTHGKNSLNSGQGPSPKQLVSLGPEKSVEGQNFLSEKNKVVVGKGEFTKDVGLKEMVFPSSRNLFLTNLDN
LHENNTHNQEKKIQEEIEKKETLIQENVVLPQIHTVTGTKNFMKNLFLLSTRQNVEGSYDGAYAPVLQDFRSLNDSTNRT
KKHTAHFSKKGEEENLEGLGNQTKQIVEKYACTTRISPNTSQQNFVTQRSKRALKQFRLPLEETELEKRIIVDDTSTQWS
KNMKHLTPSTLTQIDYNEKEKGAITQSPLSDCLTRSHSIPQANRSPLPIAKVSSFPSIRPIYLTRVLFQDNSSHLPAASY
RKKDSGVQESSHFLQGAKKNNLSLAILTLEMTGDQREVGSLGTSATNSVTYKKVENTVLPKPDLPKTSGKVELLPKVHIY
QKDLFPTETSNGSPGHLDLVEGSLLQGTEGAIKWNEANRPGKVPFLRVATESSAKTPSKLLDPLAWDNHYGTQIPKEEWK
SQEKSPEKTAFKKKDTILSLNACESNHAIAAINEGQNKPEIEVTWAKQGRTERLCSQNPPVLKRHQREITRTTLQSDQEE
IDYDDTISVEMKKEDFDIYDEDENQSPRSFQKKTRHYFIAAVERLWDYGMSSSPHVLRNRAQSGSVPQFKKVVFQEFTDG
SFTQPLYRGELNEHLGLLGPYIRAEVEDNIMVTFRNQASRPYSFYSSLISYEEDQRQGAEPRKNFVKPNETKTYFWKVQH
HMAPTKDEFDCKAWAYFSDVDLEKDVHSGLIGPLLVCHTNTLNPAHGRQVTVQEFALFFTIFDETKSWYFTENMERNCRA
PCNIQMEDPTFKENYRFHAINGYIMDTLPGLVMAQDQRIRWYLLSMGSNENIHSIHFSGHVFTVRKKEEYKMALYNLYPG
VFETVEMLPSKAGIWRVECLIGEHLHAGMSTLFLVYSNKCQTPLGMASGHIRDFQITASGQYGQWAPKLARLHYSGSINA
WSTKEPFSWIKVDLLAPMIIHGIKTQGARQKFSSLYISQFIIMYSLDGKKWQTYRGNSTGTLMVFFGNVDSSGIKHNIFN
PPIIARYIRLHPTHYSIRSTLRMELMGCDLNSCSMPLGMESKAISDAQITASSYFTNMFATWSPSKARLHLQGRSNAWRP
QVNNPKEWLQVDFQKTMKVTGVTTQGVKSLLTSMYVKEFLISSSQDGHQWTLFFQNGKVKVFQGNQDSFTPVVNSLDPPL
LTRYLRIHPQSWVHQIALRMEVLGCEAQDLY
;
_struct_ref.pdbx_db_isoform            ? 
# 
_struct_ref_seq.align_id                      1 
_struct_ref_seq.ref_id                        1 
_struct_ref_seq.pdbx_PDB_id_code              1FAC 
_struct_ref_seq.pdbx_strand_id                A 
_struct_ref_seq.seq_align_beg                 1 
_struct_ref_seq.pdbx_seq_align_beg_ins_code   ? 
_struct_ref_seq.seq_align_end                 21 
_struct_ref_seq.pdbx_seq_align_end_ins_code   ? 
_struct_ref_seq.pdbx_db_accession             P00451 
_struct_ref_seq.db_align_beg                  2322 
_struct_ref_seq.pdbx_db_align_beg_ins_code    ? 
_struct_ref_seq.db_align_end                  2342 
_struct_ref_seq.pdbx_db_align_end_ins_code    ? 
_struct_ref_seq.pdbx_auth_seq_align_beg       1 
_struct_ref_seq.pdbx_auth_seq_align_end       21 
# 
_pdbx_struct_assembly.id                   1 
_pdbx_struct_assembly.details              author_defined_assembly 
_pdbx_struct_assembly.method_details       ? 
_pdbx_struct_assembly.oligomeric_details   monomeric 
_pdbx_struct_assembly.oligomeric_count     1 
# 
_pdbx_struct_assembly_gen.assembly_id       1 
_pdbx_struct_assembly_gen.oper_expression   1 
_pdbx_struct_assembly_gen.asym_id_list      A 
# 
_pdbx_struct_oper_list.id                   1 
_pdbx_struct_oper_list.type                 'identity operation' 
_pdbx_struct_oper_list.name                 1_555 
_pdbx_struct_oper_list.symmetry_operation   x,y,z 
_pdbx_struct_oper_list.matrix[1][1]         1.0000000000 
_pdbx_struct_oper_list.matrix[1][2]         0.0000000000 
_pdbx_struct_oper_list.matrix[1][3]         0.0000000000 
_pdbx_struct_oper_list.vector[1]            0.0000000000 
_pdbx_struct_oper_list.matrix[2][1]         0.0000000000 
_pdbx_struct_oper_list.matrix[2][2]         1.0000000000 
_pdbx_struct_oper_list.matrix[2][3]         0.0000000000 
_pdbx_struct_oper_list.vector[2]            0.0000000000 
_pdbx_struct_oper_list.matrix[3][1]         0.0000000000 
_pdbx_struct_oper_list.matrix[3][2]         0.0000000000 
_pdbx_struct_oper_list.matrix[3][3]         1.0000000000 
_pdbx_struct_oper_list.vector[3]            0.0000000000 
# 
_struct_biol.id   1 
# 
_struct_conf.conf_type_id            HELX_P 
_struct_conf.id                      HELX_P1 
_struct_conf.pdbx_PDB_helix_id       1 
_struct_conf.beg_label_comp_id       TRP 
_struct_conf.beg_label_asym_id       A 
_struct_conf.beg_label_seq_id        11 
_struct_conf.pdbx_beg_PDB_ins_code   ? 
_struct_conf.end_label_comp_id       ARG 
_struct_conf.end_label_asym_id       A 
_struct_conf.end_label_seq_id        18 
_struct_conf.pdbx_end_PDB_ins_code   ? 
_struct_conf.beg_auth_comp_id        TRP 
_struct_conf.beg_auth_asym_id        A 
_struct_conf.beg_auth_seq_id         11 
_struct_conf.end_auth_comp_id        ARG 
_struct_conf.end_auth_asym_id        A 
_struct_conf.end_auth_seq_id         18 
_struct_conf.pdbx_PDB_helix_class    5 
_struct_conf.details                 ? 
_struct_conf.pdbx_PDB_helix_length   8 
# 
_struct_conf_type.id          HELX_P 
_struct_conf_type.criteria    ? 
_struct_conf_type.reference   ? 
# 
_pdbx_validate_rmsd_bond.id                        1 
_pdbx_validate_rmsd_bond.PDB_model_num             1 
_pdbx_validate_rmsd_bond.auth_atom_id_1            CD 
_pdbx_validate_rmsd_bond.auth_asym_id_1            A 
_pdbx_validate_rmsd_bond.auth_comp_id_1            GLU 
_pdbx_validate_rmsd_bond.auth_seq_id_1             20 
_pdbx_validate_rmsd_bond.PDB_ins_code_1            ? 
_pdbx_validate_rmsd_bond.label_alt_id_1            ? 
_pdbx_validate_rmsd_bond.auth_atom_id_2            OE1 
_pdbx_validate_rmsd_bond.auth_asym_id_2            A 
_pdbx_validate_rmsd_bond.auth_comp_id_2            GLU 
_pdbx_validate_rmsd_bond.auth_seq_id_2             20 
_pdbx_validate_rmsd_bond.PDB_ins_code_2            ? 
_pdbx_validate_rmsd_bond.label_alt_id_2            ? 
_pdbx_validate_rmsd_bond.bond_value                1.361 
_pdbx_validate_rmsd_bond.bond_target_value         1.252 
_pdbx_validate_rmsd_bond.bond_deviation            0.109 
_pdbx_validate_rmsd_bond.bond_standard_deviation   0.011 
_pdbx_validate_rmsd_bond.linker_flag               N 
# 
loop_
_pdbx_validate_rmsd_angle.id 
_pdbx_validate_rmsd_angle.PDB_model_num 
_pdbx_validate_rmsd_angle.auth_atom_id_1 
_pdbx_validate_rmsd_angle.auth_asym_id_1 
_pdbx_validate_rmsd_angle.auth_comp_id_1 
_pdbx_validate_rmsd_angle.auth_seq_id_1 
_pdbx_validate_rmsd_angle.PDB_ins_code_1 
_pdbx_validate_rmsd_angle.label_alt_id_1 
_pdbx_validate_rmsd_angle.auth_atom_id_2 
_pdbx_validate_rmsd_angle.auth_asym_id_2 
_pdbx_validate_rmsd_angle.auth_comp_id_2 
_pdbx_validate_rmsd_angle.auth_seq_id_2 
_pdbx_validate_rmsd_angle.PDB_ins_code_2 
_pdbx_validate_rmsd_angle.label_alt_id_2 
_pdbx_validate_rmsd_angle.auth_atom_id_3 
_pdbx_validate_rmsd_angle.auth_asym_id_3 
_pdbx_validate_rmsd_angle.auth_comp_id_3 
_pdbx_validate_rmsd_angle.auth_seq_id_3 
_pdbx_validate_rmsd_angle.PDB_ins_code_3 
_pdbx_validate_rmsd_angle.label_alt_id_3 
_pdbx_validate_rmsd_angle.angle_value 
_pdbx_validate_rmsd_angle.angle_target_value 
_pdbx_validate_rmsd_angle.angle_deviation 
_pdbx_validate_rmsd_angle.angle_standard_deviation 
_pdbx_validate_rmsd_angle.linker_flag 
1 1 NE A ARG 2  ? ? CZ A ARG 2  ? ? NH1 A ARG 2  ? ? 124.31 120.30 4.01 0.50 N 
2 1 NE A ARG 5  ? ? CZ A ARG 5  ? ? NH1 A ARG 5  ? ? 124.38 120.30 4.08 0.50 N 
3 1 NE A ARG 18 ? ? CZ A ARG 18 ? ? NH1 A ARG 18 ? ? 124.37 120.30 4.07 0.50 N 
# 
_pdbx_validate_torsion.id              1 
_pdbx_validate_torsion.PDB_model_num   1 
_pdbx_validate_torsion.auth_comp_id    ARG 
_pdbx_validate_torsion.auth_asym_id    A 
_pdbx_validate_torsion.auth_seq_id     5 
_pdbx_validate_torsion.PDB_ins_code    ? 
_pdbx_validate_torsion.label_alt_id    ? 
_pdbx_validate_torsion.phi             -154.30 
_pdbx_validate_torsion.psi             -62.21 
# 
_pdbx_nmr_ensemble.entry_id                             1FAC 
_pdbx_nmr_ensemble.conformers_calculated_total_number   34 
_pdbx_nmr_ensemble.conformers_submitted_total_number    1 
_pdbx_nmr_ensemble.conformer_selection_criteria         'LOWEST ENERGY' 
# 
_pdbx_nmr_exptl_sample_conditions.conditions_id       1 
_pdbx_nmr_exptl_sample_conditions.temperature         308.3 
_pdbx_nmr_exptl_sample_conditions.pressure            ? 
_pdbx_nmr_exptl_sample_conditions.pH                  4.0 
_pdbx_nmr_exptl_sample_conditions.ionic_strength      ? 
_pdbx_nmr_exptl_sample_conditions.pressure_units      . 
_pdbx_nmr_exptl_sample_conditions.temperature_units   K 
# 
loop_
_pdbx_nmr_exptl.experiment_id 
_pdbx_nmr_exptl.conditions_id 
_pdbx_nmr_exptl.type 
_pdbx_nmr_exptl.solution_id 
1 1 COSY  1 
2 1 TOCSY 1 
3 1 NOESY 1 
# 
_pdbx_nmr_refine.entry_id           1FAC 
_pdbx_nmr_refine.method             'DISTANCE GEOMETRY/ SIMULATED ANNEALING' 
_pdbx_nmr_refine.details            ? 
_pdbx_nmr_refine.software_ordinal   1 
# 
loop_
_pdbx_nmr_software.classification 
_pdbx_nmr_software.name 
_pdbx_nmr_software.version 
_pdbx_nmr_software.authors 
_pdbx_nmr_software.ordinal 
refinement           'Insight II'               II BIOSYM 1 
'structure solution' 'NMRCHITECT OF INSIGHT II' II ?      2 
# 
loop_
_chem_comp_atom.comp_id 
_chem_comp_atom.atom_id 
_chem_comp_atom.type_symbol 
_chem_comp_atom.pdbx_aromatic_flag 
_chem_comp_atom.pdbx_stereo_config 
_chem_comp_atom.pdbx_ordinal 
ALA N    N N N 1   
ALA CA   C N S 2   
ALA C    C N N 3   
ALA O    O N N 4   
ALA CB   C N N 5   
ALA OXT  O N N 6   
ALA H    H N N 7   
ALA H2   H N N 8   
ALA HA   H N N 9   
ALA HB1  H N N 10  
ALA HB2  H N N 11  
ALA HB3  H N N 12  
ALA HXT  H N N 13  
ARG N    N N N 14  
ARG CA   C N S 15  
ARG C    C N N 16  
ARG O    O N N 17  
ARG CB   C N N 18  
ARG CG   C N N 19  
ARG CD   C N N 20  
ARG NE   N N N 21  
ARG CZ   C N N 22  
ARG NH1  N N N 23  
ARG NH2  N N N 24  
ARG OXT  O N N 25  
ARG H    H N N 26  
ARG H2   H N N 27  
ARG HA   H N N 28  
ARG HB2  H N N 29  
ARG HB3  H N N 30  
ARG HG2  H N N 31  
ARG HG3  H N N 32  
ARG HD2  H N N 33  
ARG HD3  H N N 34  
ARG HE   H N N 35  
ARG HH11 H N N 36  
ARG HH12 H N N 37  
ARG HH21 H N N 38  
ARG HH22 H N N 39  
ARG HXT  H N N 40  
GLN N    N N N 41  
GLN CA   C N S 42  
GLN C    C N N 43  
GLN O    O N N 44  
GLN CB   C N N 45  
GLN CG   C N N 46  
GLN CD   C N N 47  
GLN OE1  O N N 48  
GLN NE2  N N N 49  
GLN OXT  O N N 50  
GLN H    H N N 51  
GLN H2   H N N 52  
GLN HA   H N N 53  
GLN HB2  H N N 54  
GLN HB3  H N N 55  
GLN HG2  H N N 56  
GLN HG3  H N N 57  
GLN HE21 H N N 58  
GLN HE22 H N N 59  
GLN HXT  H N N 60  
GLU N    N N N 61  
GLU CA   C N S 62  
GLU C    C N N 63  
GLU O    O N N 64  
GLU CB   C N N 65  
GLU CG   C N N 66  
GLU CD   C N N 67  
GLU OE1  O N N 68  
GLU OE2  O N N 69  
GLU OXT  O N N 70  
GLU H    H N N 71  
GLU H2   H N N 72  
GLU HA   H N N 73  
GLU HB2  H N N 74  
GLU HB3  H N N 75  
GLU HG2  H N N 76  
GLU HG3  H N N 77  
GLU HE2  H N N 78  
GLU HXT  H N N 79  
HIS N    N N N 80  
HIS CA   C N S 81  
HIS C    C N N 82  
HIS O    O N N 83  
HIS CB   C N N 84  
HIS CG   C Y N 85  
HIS ND1  N Y N 86  
HIS CD2  C Y N 87  
HIS CE1  C Y N 88  
HIS NE2  N Y N 89  
HIS OXT  O N N 90  
HIS H    H N N 91  
HIS H2   H N N 92  
HIS HA   H N N 93  
HIS HB2  H N N 94  
HIS HB3  H N N 95  
HIS HD1  H N N 96  
HIS HD2  H N N 97  
HIS HE1  H N N 98  
HIS HE2  H N N 99  
HIS HXT  H N N 100 
ILE N    N N N 101 
ILE CA   C N S 102 
ILE C    C N N 103 
ILE O    O N N 104 
ILE CB   C N S 105 
ILE CG1  C N N 106 
ILE CG2  C N N 107 
ILE CD1  C N N 108 
ILE OXT  O N N 109 
ILE H    H N N 110 
ILE H2   H N N 111 
ILE HA   H N N 112 
ILE HB   H N N 113 
ILE HG12 H N N 114 
ILE HG13 H N N 115 
ILE HG21 H N N 116 
ILE HG22 H N N 117 
ILE HG23 H N N 118 
ILE HD11 H N N 119 
ILE HD12 H N N 120 
ILE HD13 H N N 121 
ILE HXT  H N N 122 
LEU N    N N N 123 
LEU CA   C N S 124 
LEU C    C N N 125 
LEU O    O N N 126 
LEU CB   C N N 127 
LEU CG   C N N 128 
LEU CD1  C N N 129 
LEU CD2  C N N 130 
LEU OXT  O N N 131 
LEU H    H N N 132 
LEU H2   H N N 133 
LEU HA   H N N 134 
LEU HB2  H N N 135 
LEU HB3  H N N 136 
LEU HG   H N N 137 
LEU HD11 H N N 138 
LEU HD12 H N N 139 
LEU HD13 H N N 140 
LEU HD21 H N N 141 
LEU HD22 H N N 142 
LEU HD23 H N N 143 
LEU HXT  H N N 144 
MET N    N N N 145 
MET CA   C N S 146 
MET C    C N N 147 
MET O    O N N 148 
MET CB   C N N 149 
MET CG   C N N 150 
MET SD   S N N 151 
MET CE   C N N 152 
MET OXT  O N N 153 
MET H    H N N 154 
MET H2   H N N 155 
MET HA   H N N 156 
MET HB2  H N N 157 
MET HB3  H N N 158 
MET HG2  H N N 159 
MET HG3  H N N 160 
MET HE1  H N N 161 
MET HE2  H N N 162 
MET HE3  H N N 163 
MET HXT  H N N 164 
PRO N    N N N 165 
PRO CA   C N S 166 
PRO C    C N N 167 
PRO O    O N N 168 
PRO CB   C N N 169 
PRO CG   C N N 170 
PRO CD   C N N 171 
PRO OXT  O N N 172 
PRO H    H N N 173 
PRO HA   H N N 174 
PRO HB2  H N N 175 
PRO HB3  H N N 176 
PRO HG2  H N N 177 
PRO HG3  H N N 178 
PRO HD2  H N N 179 
PRO HD3  H N N 180 
PRO HXT  H N N 181 
SER N    N N N 182 
SER CA   C N S 183 
SER C    C N N 184 
SER O    O N N 185 
SER CB   C N N 186 
SER OG   O N N 187 
SER OXT  O N N 188 
SER H    H N N 189 
SER H2   H N N 190 
SER HA   H N N 191 
SER HB2  H N N 192 
SER HB3  H N N 193 
SER HG   H N N 194 
SER HXT  H N N 195 
THR N    N N N 196 
THR CA   C N S 197 
THR C    C N N 198 
THR O    O N N 199 
THR CB   C N R 200 
THR OG1  O N N 201 
THR CG2  C N N 202 
THR OXT  O N N 203 
THR H    H N N 204 
THR H2   H N N 205 
THR HA   H N N 206 
THR HB   H N N 207 
THR HG1  H N N 208 
THR HG21 H N N 209 
THR HG22 H N N 210 
THR HG23 H N N 211 
THR HXT  H N N 212 
TRP N    N N N 213 
TRP CA   C N S 214 
TRP C    C N N 215 
TRP O    O N N 216 
TRP CB   C N N 217 
TRP CG   C Y N 218 
TRP CD1  C Y N 219 
TRP CD2  C Y N 220 
TRP NE1  N Y N 221 
TRP CE2  C Y N 222 
TRP CE3  C Y N 223 
TRP CZ2  C Y N 224 
TRP CZ3  C Y N 225 
TRP CH2  C Y N 226 
TRP OXT  O N N 227 
TRP H    H N N 228 
TRP H2   H N N 229 
TRP HA   H N N 230 
TRP HB2  H N N 231 
TRP HB3  H N N 232 
TRP HD1  H N N 233 
TRP HE1  H N N 234 
TRP HE3  H N N 235 
TRP HZ2  H N N 236 
TRP HZ3  H N N 237 
TRP HH2  H N N 238 
TRP HXT  H N N 239 
TYR N    N N N 240 
TYR CA   C N S 241 
TYR C    C N N 242 
TYR O    O N N 243 
TYR CB   C N N 244 
TYR CG   C Y N 245 
TYR CD1  C Y N 246 
TYR CD2  C Y N 247 
TYR CE1  C Y N 248 
TYR CE2  C Y N 249 
TYR CZ   C Y N 250 
TYR OH   O N N 251 
TYR OXT  O N N 252 
TYR H    H N N 253 
TYR H2   H N N 254 
TYR HA   H N N 255 
TYR HB2  H N N 256 
TYR HB3  H N N 257 
TYR HD1  H N N 258 
TYR HD2  H N N 259 
TYR HE1  H N N 260 
TYR HE2  H N N 261 
TYR HH   H N N 262 
TYR HXT  H N N 263 
VAL N    N N N 264 
VAL CA   C N S 265 
VAL C    C N N 266 
VAL O    O N N 267 
VAL CB   C N N 268 
VAL CG1  C N N 269 
VAL CG2  C N N 270 
VAL OXT  O N N 271 
VAL H    H N N 272 
VAL H2   H N N 273 
VAL HA   H N N 274 
VAL HB   H N N 275 
VAL HG11 H N N 276 
VAL HG12 H N N 277 
VAL HG13 H N N 278 
VAL HG21 H N N 279 
VAL HG22 H N N 280 
VAL HG23 H N N 281 
VAL HXT  H N N 282 
# 
loop_
_chem_comp_bond.comp_id 
_chem_comp_bond.atom_id_1 
_chem_comp_bond.atom_id_2 
_chem_comp_bond.value_order 
_chem_comp_bond.pdbx_aromatic_flag 
_chem_comp_bond.pdbx_stereo_config 
_chem_comp_bond.pdbx_ordinal 
ALA N   CA   sing N N 1   
ALA N   H    sing N N 2   
ALA N   H2   sing N N 3   
ALA CA  C    sing N N 4   
ALA CA  CB   sing N N 5   
ALA CA  HA   sing N N 6   
ALA C   O    doub N N 7   
ALA C   OXT  sing N N 8   
ALA CB  HB1  sing N N 9   
ALA CB  HB2  sing N N 10  
ALA CB  HB3  sing N N 11  
ALA OXT HXT  sing N N 12  
ARG N   CA   sing N N 13  
ARG N   H    sing N N 14  
ARG N   H2   sing N N 15  
ARG CA  C    sing N N 16  
ARG CA  CB   sing N N 17  
ARG CA  HA   sing N N 18  
ARG C   O    doub N N 19  
ARG C   OXT  sing N N 20  
ARG CB  CG   sing N N 21  
ARG CB  HB2  sing N N 22  
ARG CB  HB3  sing N N 23  
ARG CG  CD   sing N N 24  
ARG CG  HG2  sing N N 25  
ARG CG  HG3  sing N N 26  
ARG CD  NE   sing N N 27  
ARG CD  HD2  sing N N 28  
ARG CD  HD3  sing N N 29  
ARG NE  CZ   sing N N 30  
ARG NE  HE   sing N N 31  
ARG CZ  NH1  sing N N 32  
ARG CZ  NH2  doub N N 33  
ARG NH1 HH11 sing N N 34  
ARG NH1 HH12 sing N N 35  
ARG NH2 HH21 sing N N 36  
ARG NH2 HH22 sing N N 37  
ARG OXT HXT  sing N N 38  
GLN N   CA   sing N N 39  
GLN N   H    sing N N 40  
GLN N   H2   sing N N 41  
GLN CA  C    sing N N 42  
GLN CA  CB   sing N N 43  
GLN CA  HA   sing N N 44  
GLN C   O    doub N N 45  
GLN C   OXT  sing N N 46  
GLN CB  CG   sing N N 47  
GLN CB  HB2  sing N N 48  
GLN CB  HB3  sing N N 49  
GLN CG  CD   sing N N 50  
GLN CG  HG2  sing N N 51  
GLN CG  HG3  sing N N 52  
GLN CD  OE1  doub N N 53  
GLN CD  NE2  sing N N 54  
GLN NE2 HE21 sing N N 55  
GLN NE2 HE22 sing N N 56  
GLN OXT HXT  sing N N 57  
GLU N   CA   sing N N 58  
GLU N   H    sing N N 59  
GLU N   H2   sing N N 60  
GLU CA  C    sing N N 61  
GLU CA  CB   sing N N 62  
GLU CA  HA   sing N N 63  
GLU C   O    doub N N 64  
GLU C   OXT  sing N N 65  
GLU CB  CG   sing N N 66  
GLU CB  HB2  sing N N 67  
GLU CB  HB3  sing N N 68  
GLU CG  CD   sing N N 69  
GLU CG  HG2  sing N N 70  
GLU CG  HG3  sing N N 71  
GLU CD  OE1  doub N N 72  
GLU CD  OE2  sing N N 73  
GLU OE2 HE2  sing N N 74  
GLU OXT HXT  sing N N 75  
HIS N   CA   sing N N 76  
HIS N   H    sing N N 77  
HIS N   H2   sing N N 78  
HIS CA  C    sing N N 79  
HIS CA  CB   sing N N 80  
HIS CA  HA   sing N N 81  
HIS C   O    doub N N 82  
HIS C   OXT  sing N N 83  
HIS CB  CG   sing N N 84  
HIS CB  HB2  sing N N 85  
HIS CB  HB3  sing N N 86  
HIS CG  ND1  sing Y N 87  
HIS CG  CD2  doub Y N 88  
HIS ND1 CE1  doub Y N 89  
HIS ND1 HD1  sing N N 90  
HIS CD2 NE2  sing Y N 91  
HIS CD2 HD2  sing N N 92  
HIS CE1 NE2  sing Y N 93  
HIS CE1 HE1  sing N N 94  
HIS NE2 HE2  sing N N 95  
HIS OXT HXT  sing N N 96  
ILE N   CA   sing N N 97  
ILE N   H    sing N N 98  
ILE N   H2   sing N N 99  
ILE CA  C    sing N N 100 
ILE CA  CB   sing N N 101 
ILE CA  HA   sing N N 102 
ILE C   O    doub N N 103 
ILE C   OXT  sing N N 104 
ILE CB  CG1  sing N N 105 
ILE CB  CG2  sing N N 106 
ILE CB  HB   sing N N 107 
ILE CG1 CD1  sing N N 108 
ILE CG1 HG12 sing N N 109 
ILE CG1 HG13 sing N N 110 
ILE CG2 HG21 sing N N 111 
ILE CG2 HG22 sing N N 112 
ILE CG2 HG23 sing N N 113 
ILE CD1 HD11 sing N N 114 
ILE CD1 HD12 sing N N 115 
ILE CD1 HD13 sing N N 116 
ILE OXT HXT  sing N N 117 
LEU N   CA   sing N N 118 
LEU N   H    sing N N 119 
LEU N   H2   sing N N 120 
LEU CA  C    sing N N 121 
LEU CA  CB   sing N N 122 
LEU CA  HA   sing N N 123 
LEU C   O    doub N N 124 
LEU C   OXT  sing N N 125 
LEU CB  CG   sing N N 126 
LEU CB  HB2  sing N N 127 
LEU CB  HB3  sing N N 128 
LEU CG  CD1  sing N N 129 
LEU CG  CD2  sing N N 130 
LEU CG  HG   sing N N 131 
LEU CD1 HD11 sing N N 132 
LEU CD1 HD12 sing N N 133 
LEU CD1 HD13 sing N N 134 
LEU CD2 HD21 sing N N 135 
LEU CD2 HD22 sing N N 136 
LEU CD2 HD23 sing N N 137 
LEU OXT HXT  sing N N 138 
MET N   CA   sing N N 139 
MET N   H    sing N N 140 
MET N   H2   sing N N 141 
MET CA  C    sing N N 142 
MET CA  CB   sing N N 143 
MET CA  HA   sing N N 144 
MET C   O    doub N N 145 
MET C   OXT  sing N N 146 
MET CB  CG   sing N N 147 
MET CB  HB2  sing N N 148 
MET CB  HB3  sing N N 149 
MET CG  SD   sing N N 150 
MET CG  HG2  sing N N 151 
MET CG  HG3  sing N N 152 
MET SD  CE   sing N N 153 
MET CE  HE1  sing N N 154 
MET CE  HE2  sing N N 155 
MET CE  HE3  sing N N 156 
MET OXT HXT  sing N N 157 
PRO N   CA   sing N N 158 
PRO N   CD   sing N N 159 
PRO N   H    sing N N 160 
PRO CA  C    sing N N 161 
PRO CA  CB   sing N N 162 
PRO CA  HA   sing N N 163 
PRO C   O    doub N N 164 
PRO C   OXT  sing N N 165 
PRO CB  CG   sing N N 166 
PRO CB  HB2  sing N N 167 
PRO CB  HB3  sing N N 168 
PRO CG  CD   sing N N 169 
PRO CG  HG2  sing N N 170 
PRO CG  HG3  sing N N 171 
PRO CD  HD2  sing N N 172 
PRO CD  HD3  sing N N 173 
PRO OXT HXT  sing N N 174 
SER N   CA   sing N N 175 
SER N   H    sing N N 176 
SER N   H2   sing N N 177 
SER CA  C    sing N N 178 
SER CA  CB   sing N N 179 
SER CA  HA   sing N N 180 
SER C   O    doub N N 181 
SER C   OXT  sing N N 182 
SER CB  OG   sing N N 183 
SER CB  HB2  sing N N 184 
SER CB  HB3  sing N N 185 
SER OG  HG   sing N N 186 
SER OXT HXT  sing N N 187 
THR N   CA   sing N N 188 
THR N   H    sing N N 189 
THR N   H2   sing N N 190 
THR CA  C    sing N N 191 
THR CA  CB   sing N N 192 
THR CA  HA   sing N N 193 
THR C   O    doub N N 194 
THR C   OXT  sing N N 195 
THR CB  OG1  sing N N 196 
THR CB  CG2  sing N N 197 
THR CB  HB   sing N N 198 
THR OG1 HG1  sing N N 199 
THR CG2 HG21 sing N N 200 
THR CG2 HG22 sing N N 201 
THR CG2 HG23 sing N N 202 
THR OXT HXT  sing N N 203 
TRP N   CA   sing N N 204 
TRP N   H    sing N N 205 
TRP N   H2   sing N N 206 
TRP CA  C    sing N N 207 
TRP CA  CB   sing N N 208 
TRP CA  HA   sing N N 209 
TRP C   O    doub N N 210 
TRP C   OXT  sing N N 211 
TRP CB  CG   sing N N 212 
TRP CB  HB2  sing N N 213 
TRP CB  HB3  sing N N 214 
TRP CG  CD1  doub Y N 215 
TRP CG  CD2  sing Y N 216 
TRP CD1 NE1  sing Y N 217 
TRP CD1 HD1  sing N N 218 
TRP CD2 CE2  doub Y N 219 
TRP CD2 CE3  sing Y N 220 
TRP NE1 CE2  sing Y N 221 
TRP NE1 HE1  sing N N 222 
TRP CE2 CZ2  sing Y N 223 
TRP CE3 CZ3  doub Y N 224 
TRP CE3 HE3  sing N N 225 
TRP CZ2 CH2  doub Y N 226 
TRP CZ2 HZ2  sing N N 227 
TRP CZ3 CH2  sing Y N 228 
TRP CZ3 HZ3  sing N N 229 
TRP CH2 HH2  sing N N 230 
TRP OXT HXT  sing N N 231 
TYR N   CA   sing N N 232 
TYR N   H    sing N N 233 
TYR N   H2   sing N N 234 
TYR CA  C    sing N N 235 
TYR CA  CB   sing N N 236 
TYR CA  HA   sing N N 237 
TYR C   O    doub N N 238 
TYR C   OXT  sing N N 239 
TYR CB  CG   sing N N 240 
TYR CB  HB2  sing N N 241 
TYR CB  HB3  sing N N 242 
TYR CG  CD1  doub Y N 243 
TYR CG  CD2  sing Y N 244 
TYR CD1 CE1  sing Y N 245 
TYR CD1 HD1  sing N N 246 
TYR CD2 CE2  doub Y N 247 
TYR CD2 HD2  sing N N 248 
TYR CE1 CZ   doub Y N 249 
TYR CE1 HE1  sing N N 250 
TYR CE2 CZ   sing Y N 251 
TYR CE2 HE2  sing N N 252 
TYR CZ  OH   sing N N 253 
TYR OH  HH   sing N N 254 
TYR OXT HXT  sing N N 255 
VAL N   CA   sing N N 256 
VAL N   H    sing N N 257 
VAL N   H2   sing N N 258 
VAL CA  C    sing N N 259 
VAL CA  CB   sing N N 260 
VAL CA  HA   sing N N 261 
VAL C   O    doub N N 262 
VAL C   OXT  sing N N 263 
VAL CB  CG1  sing N N 264 
VAL CB  CG2  sing N N 265 
VAL CB  HB   sing N N 266 
VAL CG1 HG11 sing N N 267 
VAL CG1 HG12 sing N N 268 
VAL CG1 HG13 sing N N 269 
VAL CG2 HG21 sing N N 270 
VAL CG2 HG22 sing N N 271 
VAL CG2 HG23 sing N N 272 
VAL OXT HXT  sing N N 273 
# 
_pdbx_nmr_spectrometer.spectrometer_id   1 
_pdbx_nmr_spectrometer.model             'BRUKER AMX-500' 
_pdbx_nmr_spectrometer.manufacturer      Bruker 
_pdbx_nmr_spectrometer.field_strength    500 
# 
_atom_sites.entry_id                    1FAC 
_atom_sites.fract_transf_matrix[1][1]   1.000000 
_atom_sites.fract_transf_matrix[1][2]   0.000000 
_atom_sites.fract_transf_matrix[1][3]   0.000000 
_atom_sites.fract_transf_matrix[2][1]   0.000000 
_atom_sites.fract_transf_matrix[2][2]   1.000000 
_atom_sites.fract_transf_matrix[2][3]   0.000000 
_atom_sites.fract_transf_matrix[3][1]   0.000000 
_atom_sites.fract_transf_matrix[3][2]   0.000000 
_atom_sites.fract_transf_matrix[3][3]   1.000000 
_atom_sites.fract_transf_vector[1]      0.00000 
_atom_sites.fract_transf_vector[2]      0.00000 
_atom_sites.fract_transf_vector[3]      0.00000 
# 
loop_
_atom_type.symbol 
C 
N 
O 
S 
# 
loop_
_atom_site.group_PDB 
_atom_site.id 
_atom_site.type_symbol 
_atom_site.label_atom_id 
_atom_site.label_alt_id 
_atom_site.label_comp_id 
_atom_site.label_asym_id 
_atom_site.label_entity_id 
_atom_site.label_seq_id 
_atom_site.pdbx_PDB_ins_code 
_atom_site.Cartn_x 
_atom_site.Cartn_y 
_atom_site.Cartn_z 
_atom_site.occupancy 
_atom_site.B_iso_or_equiv 
_atom_site.pdbx_formal_charge 
_atom_site.auth_seq_id 
_atom_site.auth_comp_id 
_atom_site.auth_asym_id 
_atom_site.auth_atom_id 
_atom_site.pdbx_PDB_model_num 
ATOM 1   N N   . THR A 1 1  ? 12.748 -6.649 -6.327  1.00 0.00 ? 1  THR A N   1 
ATOM 2   C CA  . THR A 1 1  ? 11.581 -5.882 -5.898  1.00 0.00 ? 1  THR A CA  1 
ATOM 3   C C   . THR A 1 1  ? 10.579 -5.753 -7.021  1.00 0.00 ? 1  THR A C   1 
ATOM 4   O O   . THR A 1 1  ? 10.884 -6.000 -8.193  1.00 0.00 ? 1  THR A O   1 
ATOM 5   C CB  . THR A 1 1  ? 12.013 -4.470 -5.377  1.00 0.00 ? 1  THR A CB  1 
ATOM 6   O OG1 . THR A 1 1  ? 10.885 -3.742 -4.909  1.00 0.00 ? 1  THR A OG1 1 
ATOM 7   C CG2 . THR A 1 1  ? 12.677 -3.533 -6.409  1.00 0.00 ? 1  THR A CG2 1 
ATOM 8   N N   . ARG A 1 2  ? 9.369  -5.342 -6.684  1.00 0.00 ? 2  ARG A N   1 
ATOM 9   C CA  . ARG A 1 2  ? 8.370  -5.000 -7.695  1.00 0.00 ? 2  ARG A CA  1 
ATOM 10  C C   . ARG A 1 2  ? 7.662  -3.706 -7.364  1.00 0.00 ? 2  ARG A C   1 
ATOM 11  O O   . ARG A 1 2  ? 6.428  -3.618 -7.395  1.00 0.00 ? 2  ARG A O   1 
ATOM 12  C CB  . ARG A 1 2  ? 7.361  -6.176 -7.822  1.00 0.00 ? 2  ARG A CB  1 
ATOM 13  C CG  . ARG A 1 2  ? 6.252  -5.977 -8.890  1.00 0.00 ? 2  ARG A CG  1 
ATOM 14  C CD  . ARG A 1 2  ? 5.481  -7.269 -9.187  1.00 0.00 ? 2  ARG A CD  1 
ATOM 15  N NE  . ARG A 1 2  ? 6.423  -8.413 -9.091  1.00 0.00 ? 2  ARG A NE  1 
ATOM 16  C CZ  . ARG A 1 2  ? 7.270  -8.796 -10.037 1.00 0.00 ? 2  ARG A CZ  1 
ATOM 17  N NH1 . ARG A 1 2  ? 7.388  -8.214 -11.194 1.00 0.00 ? 2  ARG A NH1 1 
ATOM 18  N NH2 . ARG A 1 2  ? 8.022  -9.809 -9.787  1.00 0.00 ? 2  ARG A NH2 1 
ATOM 19  N N   . TYR A 1 3  ? 8.421  -2.680 -7.027  1.00 0.00 ? 3  TYR A N   1 
ATOM 20  C CA  . TYR A 1 3  ? 7.859  -1.369 -6.715  1.00 0.00 ? 3  TYR A CA  1 
ATOM 21  C C   . TYR A 1 3  ? 7.734  -0.495 -7.941  1.00 0.00 ? 3  TYR A C   1 
ATOM 22  O O   . TYR A 1 3  ? 7.442  0.709  -7.831  1.00 0.00 ? 3  TYR A O   1 
ATOM 23  C CB  . TYR A 1 3  ? 8.761  -0.618 -5.689  1.00 0.00 ? 3  TYR A CB  1 
ATOM 24  C CG  . TYR A 1 3  ? 8.781  -1.168 -4.258  1.00 0.00 ? 3  TYR A CG  1 
ATOM 25  C CD1 . TYR A 1 3  ? 8.535  -2.520 -4.004  1.00 0.00 ? 3  TYR A CD1 1 
ATOM 26  C CD2 . TYR A 1 3  ? 9.040  -0.302 -3.189  1.00 0.00 ? 3  TYR A CD2 1 
ATOM 27  C CE1 . TYR A 1 3  ? 8.603  -3.010 -2.701  1.00 0.00 ? 3  TYR A CE1 1 
ATOM 28  C CE2 . TYR A 1 3  ? 9.017  -0.778 -1.880  1.00 0.00 ? 3  TYR A CE2 1 
ATOM 29  C CZ  . TYR A 1 3  ? 8.831  -2.138 -1.640  1.00 0.00 ? 3  TYR A CZ  1 
ATOM 30  O OH  . TYR A 1 3  ? 8.876  -2.616 -0.361  1.00 0.00 ? 3  TYR A OH  1 
ATOM 31  N N   . LEU A 1 4  ? 7.965  -1.036 -9.120  1.00 0.00 ? 4  LEU A N   1 
ATOM 32  C CA  . LEU A 1 4  ? 7.826  -0.284 -10.366 1.00 0.00 ? 4  LEU A CA  1 
ATOM 33  C C   . LEU A 1 4  ? 6.585  -0.712 -11.114 1.00 0.00 ? 4  LEU A C   1 
ATOM 34  O O   . LEU A 1 4  ? 6.575  -0.820 -12.344 1.00 0.00 ? 4  LEU A O   1 
ATOM 35  C CB  . LEU A 1 4  ? 9.092  -0.447 -11.256 1.00 0.00 ? 4  LEU A CB  1 
ATOM 36  C CG  . LEU A 1 4  ? 10.479 -0.554 -10.568 1.00 0.00 ? 4  LEU A CG  1 
ATOM 37  C CD1 . LEU A 1 4  ? 11.456 -1.456 -11.343 1.00 0.00 ? 4  LEU A CD1 1 
ATOM 38  C CD2 . LEU A 1 4  ? 11.094 0.843  -10.400 1.00 0.00 ? 4  LEU A CD2 1 
ATOM 39  N N   . ARG A 1 5  ? 5.521  -0.981 -10.381 1.00 0.00 ? 5  ARG A N   1 
ATOM 40  C CA  . ARG A 1 5  ? 4.324  -1.589 -10.958 1.00 0.00 ? 5  ARG A CA  1 
ATOM 41  C C   . ARG A 1 5  ? 3.087  -1.242 -10.159 1.00 0.00 ? 5  ARG A C   1 
ATOM 42  O O   . ARG A 1 5  ? 2.138  -0.628 -10.656 1.00 0.00 ? 5  ARG A O   1 
ATOM 43  C CB  . ARG A 1 5  ? 4.537  -3.130 -11.015 1.00 0.00 ? 5  ARG A CB  1 
ATOM 44  C CG  . ARG A 1 5  ? 5.789  -3.578 -11.815 1.00 0.00 ? 5  ARG A CG  1 
ATOM 45  C CD  . ARG A 1 5  ? 5.523  -4.649 -12.880 1.00 0.00 ? 5  ARG A CD  1 
ATOM 46  N NE  . ARG A 1 5  ? 5.583  -3.996 -14.215 1.00 0.00 ? 5  ARG A NE  1 
ATOM 47  C CZ  . ARG A 1 5  ? 6.654  -3.415 -14.737 1.00 0.00 ? 5  ARG A CZ  1 
ATOM 48  N NH1 . ARG A 1 5  ? 7.811  -3.340 -14.146 1.00 0.00 ? 5  ARG A NH1 1 
ATOM 49  N NH2 . ARG A 1 5  ? 6.536  -2.892 -15.906 1.00 0.00 ? 5  ARG A NH2 1 
ATOM 50  N N   . ILE A 1 6  ? 3.067  -1.665 -8.907  1.00 0.00 ? 6  ILE A N   1 
ATOM 51  C CA  . ILE A 1 6  ? 2.024  -1.277 -7.963  1.00 0.00 ? 6  ILE A CA  1 
ATOM 52  C C   . ILE A 1 6  ? 1.665  0.191  -8.071  1.00 0.00 ? 6  ILE A C   1 
ATOM 53  O O   . ILE A 1 6  ? 2.512  1.077  -7.931  1.00 0.00 ? 6  ILE A O   1 
ATOM 54  C CB  . ILE A 1 6  ? 2.418  -1.640 -6.466  1.00 0.00 ? 6  ILE A CB  1 
ATOM 55  C CG1 . ILE A 1 6  ? 1.461  -1.021 -5.394  1.00 0.00 ? 6  ILE A CG1 1 
ATOM 56  C CG2 . ILE A 1 6  ? 3.883  -1.244 -6.101  1.00 0.00 ? 6  ILE A CG2 1 
ATOM 57  C CD1 . ILE A 1 6  ? 0.071  -1.684 -5.292  1.00 0.00 ? 6  ILE A CD1 1 
ATOM 58  N N   . HIS A 1 7  ? 0.390  0.466  -8.276  1.00 0.00 ? 7  HIS A N   1 
ATOM 59  C CA  . HIS A 1 7  ? -0.136 1.827  -8.141  1.00 0.00 ? 7  HIS A CA  1 
ATOM 60  C C   . HIS A 1 7  ? -0.243 2.173  -6.671  1.00 0.00 ? 7  HIS A C   1 
ATOM 61  O O   . HIS A 1 7  ? -1.017 1.544  -5.927  1.00 0.00 ? 7  HIS A O   1 
ATOM 62  C CB  . HIS A 1 7  ? -1.518 1.843  -8.814  1.00 0.00 ? 7  HIS A CB  1 
ATOM 63  C CG  . HIS A 1 7  ? -1.549 1.061  -10.096 1.00 0.00 ? 7  HIS A CG  1 
ATOM 64  N ND1 . HIS A 1 7  ? -2.316 -0.081 -10.332 1.00 0.00 ? 7  HIS A ND1 1 
ATOM 65  C CD2 . HIS A 1 7  ? -0.799 1.405  -11.212 1.00 0.00 ? 7  HIS A CD2 1 
ATOM 66  C CE1 . HIS A 1 7  ? -1.962 -0.337 -11.605 1.00 0.00 ? 7  HIS A CE1 1 
ATOM 67  N NE2 . HIS A 1 7  ? -1.065 0.494  -12.202 1.00 0.00 ? 7  HIS A NE2 1 
ATOM 68  N N   . PRO A 1 8  ? 0.537  3.134  -6.218  1.00 0.00 ? 8  PRO A N   1 
ATOM 69  C CA  . PRO A 1 8  ? 0.722  3.516  -4.743  1.00 0.00 ? 8  PRO A CA  1 
ATOM 70  C C   . PRO A 1 8  ? -0.376 4.297  -4.057  1.00 0.00 ? 8  PRO A C   1 
ATOM 71  O O   . PRO A 1 8  ? -0.570 4.159  -2.834  1.00 0.00 ? 8  PRO A O   1 
ATOM 72  C CB  . PRO A 1 8  ? 1.985  4.371  -4.707  1.00 0.00 ? 8  PRO A CB  1 
ATOM 73  C CG  . PRO A 1 8  ? 1.856  5.119  -6.045  1.00 0.00 ? 8  PRO A CG  1 
ATOM 74  C CD  . PRO A 1 8  ? 1.417  4.019  -7.018  1.00 0.00 ? 8  PRO A CD  1 
ATOM 75  N N   . GLN A 1 9  ? -1.081 5.155  -4.765  1.00 0.00 ? 9  GLN A N   1 
ATOM 76  C CA  . GLN A 1 9  ? -1.969 6.135  -4.137  1.00 0.00 ? 9  GLN A CA  1 
ATOM 77  C C   . GLN A 1 9  ? -3.061 5.487  -3.320  1.00 0.00 ? 9  GLN A C   1 
ATOM 78  O O   . GLN A 1 9  ? -3.179 5.729  -2.092  1.00 0.00 ? 9  GLN A O   1 
ATOM 79  C CB  . GLN A 1 9  ? -2.533 7.089  -5.219  1.00 0.00 ? 9  GLN A CB  1 
ATOM 80  C CG  . GLN A 1 9  ? -3.751 7.969  -4.770  1.00 0.00 ? 9  GLN A CG  1 
ATOM 81  C CD  . GLN A 1 9  ? -5.174 7.410  -4.904  1.00 0.00 ? 9  GLN A CD  1 
ATOM 82  O OE1 . GLN A 1 9  ? -5.431 6.530  -5.710  1.00 0.00 ? 9  GLN A OE1 1 
ATOM 83  N NE2 . GLN A 1 9  ? -6.139 7.897  -4.167  1.00 0.00 ? 9  GLN A NE2 1 
ATOM 84  N N   . SER A 1 10 ? -3.896 4.655  -3.910  1.00 0.00 ? 10 SER A N   1 
ATOM 85  C CA  . SER A 1 10 ? -5.086 4.127  -3.234  1.00 0.00 ? 10 SER A CA  1 
ATOM 86  C C   . SER A 1 10 ? -4.753 2.933  -2.357  1.00 0.00 ? 10 SER A C   1 
ATOM 87  O O   . SER A 1 10 ? -5.493 2.556  -1.445  1.00 0.00 ? 10 SER A O   1 
ATOM 88  C CB  . SER A 1 10 ? -6.192 3.775  -4.260  1.00 0.00 ? 10 SER A CB  1 
ATOM 89  O OG  . SER A 1 10 ? -5.847 2.661  -5.091  1.00 0.00 ? 10 SER A OG  1 
ATOM 90  N N   . TRP A 1 11 ? -3.636 2.294  -2.646  1.00 0.00 ? 11 TRP A N   1 
ATOM 91  C CA  . TRP A 1 11 ? -3.241 1.019  -2.044  1.00 0.00 ? 11 TRP A CA  1 
ATOM 92  C C   . TRP A 1 11 ? -2.841 1.175  -0.597  1.00 0.00 ? 11 TRP A C   1 
ATOM 93  O O   . TRP A 1 11 ? -2.940 0.227  0.198   1.00 0.00 ? 11 TRP A O   1 
ATOM 94  C CB  . TRP A 1 11 ? -2.036 0.451  -2.856  1.00 0.00 ? 11 TRP A CB  1 
ATOM 95  C CG  . TRP A 1 11 ? -1.656 -1.031 -2.737  1.00 0.00 ? 11 TRP A CG  1 
ATOM 96  C CD1 . TRP A 1 11 ? -2.257 -2.084 -3.457  1.00 0.00 ? 11 TRP A CD1 1 
ATOM 97  C CD2 . TRP A 1 11 ? -0.607 -1.597 -2.043  1.00 0.00 ? 11 TRP A CD2 1 
ATOM 98  N NE1 . TRP A 1 11 ? -1.587 -3.304 -3.244  1.00 0.00 ? 11 TRP A NE1 1 
ATOM 99  C CE2 . TRP A 1 11 ? -0.559 -2.973 -2.376  1.00 0.00 ? 11 TRP A CE2 1 
ATOM 100 C CE3 . TRP A 1 11 ? 0.334  -1.040 -1.139  1.00 0.00 ? 11 TRP A CE3 1 
ATOM 101 C CZ2 . TRP A 1 11 ? 0.496  -3.778 -1.893  1.00 0.00 ? 11 TRP A CZ2 1 
ATOM 102 C CZ3 . TRP A 1 11 ? 1.359  -1.859 -0.662  1.00 0.00 ? 11 TRP A CZ3 1 
ATOM 103 C CH2 . TRP A 1 11 ? 1.417  -3.218 -1.004  1.00 0.00 ? 11 TRP A CH2 1 
ATOM 104 N N   . VAL A 1 12 ? -2.348 2.340  -0.220  1.00 0.00 ? 12 VAL A N   1 
ATOM 105 C CA  . VAL A 1 12 ? -1.751 2.535  1.100   1.00 0.00 ? 12 VAL A CA  1 
ATOM 106 C C   . VAL A 1 12 ? -2.787 2.533  2.205   1.00 0.00 ? 12 VAL A C   1 
ATOM 107 O O   . VAL A 1 12 ? -2.456 2.310  3.378   1.00 0.00 ? 12 VAL A O   1 
ATOM 108 C CB  . VAL A 1 12 ? -0.938 3.891  1.120   1.00 0.00 ? 12 VAL A CB  1 
ATOM 109 C CG1 . VAL A 1 12 ? -0.708 4.539  2.514   1.00 0.00 ? 12 VAL A CG1 1 
ATOM 110 C CG2 . VAL A 1 12 ? 0.469  3.783  0.483   1.00 0.00 ? 12 VAL A CG2 1 
ATOM 111 N N   . HIS A 1 13 ? -4.030 2.827  1.875   1.00 0.00 ? 13 HIS A N   1 
ATOM 112 C CA  . HIS A 1 13 ? -5.073 2.992  2.888   1.00 0.00 ? 13 HIS A CA  1 
ATOM 113 C C   . HIS A 1 13 ? -5.858 1.721  3.121   1.00 0.00 ? 13 HIS A C   1 
ATOM 114 O O   . HIS A 1 13 ? -6.965 1.741  3.679   1.00 0.00 ? 13 HIS A O   1 
ATOM 115 C CB  . HIS A 1 13 ? -6.000 4.105  2.369   1.00 0.00 ? 13 HIS A CB  1 
ATOM 116 C CG  . HIS A 1 13 ? -6.209 5.179  3.398   1.00 0.00 ? 13 HIS A CG  1 
ATOM 117 N ND1 . HIS A 1 13 ? -5.668 6.462  3.361   1.00 0.00 ? 13 HIS A ND1 1 
ATOM 118 C CD2 . HIS A 1 13 ? -6.986 4.986  4.531   1.00 0.00 ? 13 HIS A CD2 1 
ATOM 119 C CE1 . HIS A 1 13 ? -6.176 6.957  4.506   1.00 0.00 ? 13 HIS A CE1 1 
ATOM 120 N NE2 . HIS A 1 13 ? -6.968 6.147  5.260   1.00 0.00 ? 13 HIS A NE2 1 
ATOM 121 N N   . GLN A 1 14 ? -5.304 0.590  2.732   1.00 0.00 ? 14 GLN A N   1 
ATOM 122 C CA  . GLN A 1 14 ? -5.850 -0.717 3.096   1.00 0.00 ? 14 GLN A CA  1 
ATOM 123 C C   . GLN A 1 14 ? -4.854 -1.492 3.932   1.00 0.00 ? 14 GLN A C   1 
ATOM 124 O O   . GLN A 1 14 ? -5.213 -2.298 4.794   1.00 0.00 ? 14 GLN A O   1 
ATOM 125 C CB  . GLN A 1 14 ? -6.200 -1.491 1.808   1.00 0.00 ? 14 GLN A CB  1 
ATOM 126 C CG  . GLN A 1 14 ? -5.237 -1.258 0.591   1.00 0.00 ? 14 GLN A CG  1 
ATOM 127 C CD  . GLN A 1 14 ? -5.859 -1.033 -0.794  1.00 0.00 ? 14 GLN A CD  1 
ATOM 128 O OE1 . GLN A 1 14 ? -5.376 -1.520 -1.802  1.00 0.00 ? 14 GLN A OE1 1 
ATOM 129 N NE2 . GLN A 1 14 ? -6.962 -0.328 -0.893  1.00 0.00 ? 14 GLN A NE2 1 
ATOM 130 N N   . ILE A 1 15 ? -3.579 -1.245 3.694   1.00 0.00 ? 15 ILE A N   1 
ATOM 131 C CA  . ILE A 1 15 ? -2.514 -1.782 4.535   1.00 0.00 ? 15 ILE A CA  1 
ATOM 132 C C   . ILE A 1 15 ? -2.479 -1.083 5.875   1.00 0.00 ? 15 ILE A C   1 
ATOM 133 O O   . ILE A 1 15 ? -2.451 -1.711 6.935   1.00 0.00 ? 15 ILE A O   1 
ATOM 134 C CB  . ILE A 1 15 ? -1.109 -1.712 3.806   1.00 0.00 ? 15 ILE A CB  1 
ATOM 135 C CG1 . ILE A 1 15 ? -1.025 -2.490 2.453   1.00 0.00 ? 15 ILE A CG1 1 
ATOM 136 C CG2 . ILE A 1 15 ? 0.064  -2.196 4.716   1.00 0.00 ? 15 ILE A CG2 1 
ATOM 137 C CD1 . ILE A 1 15 ? -2.369 -2.883 1.807   1.00 0.00 ? 15 ILE A CD1 1 
ATOM 138 N N   . ALA A 1 16 ? -2.448 0.239  5.841   1.00 0.00 ? 16 ALA A N   1 
ATOM 139 C CA  . ALA A 1 16 ? -2.223 1.036  7.046   1.00 0.00 ? 16 ALA A CA  1 
ATOM 140 C C   . ALA A 1 16 ? -3.244 0.730  8.122   1.00 0.00 ? 16 ALA A C   1 
ATOM 141 O O   . ALA A 1 16 ? -2.967 0.818  9.322   1.00 0.00 ? 16 ALA A O   1 
ATOM 142 C CB  . ALA A 1 16 ? -2.230 2.519  6.634   1.00 0.00 ? 16 ALA A CB  1 
ATOM 143 N N   . LEU A 1 17 ? -4.450 0.399  7.704   1.00 0.00 ? 17 LEU A N   1 
ATOM 144 C CA  . LEU A 1 17 ? -5.563 0.209  8.631   1.00 0.00 ? 17 LEU A CA  1 
ATOM 145 C C   . LEU A 1 17 ? -5.485 -1.148 9.293   1.00 0.00 ? 17 LEU A C   1 
ATOM 146 O O   . LEU A 1 17 ? -5.853 -1.325 10.457  1.00 0.00 ? 17 LEU A O   1 
ATOM 147 C CB  . LEU A 1 17 ? -6.924 0.393  7.901   1.00 0.00 ? 17 LEU A CB  1 
ATOM 148 C CG  . LEU A 1 17 ? -7.165 1.710  7.115   1.00 0.00 ? 17 LEU A CG  1 
ATOM 149 C CD1 . LEU A 1 17 ? -8.318 1.525  6.118   1.00 0.00 ? 17 LEU A CD1 1 
ATOM 150 C CD2 . LEU A 1 17 ? -7.462 2.906  8.034   1.00 0.00 ? 17 LEU A CD2 1 
ATOM 151 N N   . ARG A 1 18 ? -5.013 -2.132 8.551   1.00 0.00 ? 18 ARG A N   1 
ATOM 152 C CA  . ARG A 1 18 ? -4.896 -3.500 9.052   1.00 0.00 ? 18 ARG A CA  1 
ATOM 153 C C   . ARG A 1 18 ? -3.655 -3.700 9.892   1.00 0.00 ? 18 ARG A C   1 
ATOM 154 O O   . ARG A 1 18 ? -3.573 -4.638 10.699  1.00 0.00 ? 18 ARG A O   1 
ATOM 155 C CB  . ARG A 1 18 ? -4.911 -4.471 7.837   1.00 0.00 ? 18 ARG A CB  1 
ATOM 156 C CG  . ARG A 1 18 ? -4.425 -5.913 8.143   1.00 0.00 ? 18 ARG A CG  1 
ATOM 157 C CD  . ARG A 1 18 ? -4.743 -6.894 7.006   1.00 0.00 ? 18 ARG A CD  1 
ATOM 158 N NE  . ARG A 1 18 ? -6.107 -7.439 7.226   1.00 0.00 ? 18 ARG A NE  1 
ATOM 159 C CZ  . ARG A 1 18 ? -6.826 -8.099 6.329   1.00 0.00 ? 18 ARG A CZ  1 
ATOM 160 N NH1 . ARG A 1 18 ? -6.431 -8.358 5.118   1.00 0.00 ? 18 ARG A NH1 1 
ATOM 161 N NH2 . ARG A 1 18 ? -7.992 -8.508 6.687   1.00 0.00 ? 18 ARG A NH2 1 
ATOM 162 N N   . MET A 1 19 ? -2.655 -2.859 9.713   1.00 0.00 ? 19 MET A N   1 
ATOM 163 C CA  . MET A 1 19 ? -1.343 -3.068 10.322  1.00 0.00 ? 19 MET A CA  1 
ATOM 164 C C   . MET A 1 19 ? -1.125 -2.153 11.503  1.00 0.00 ? 19 MET A C   1 
ATOM 165 O O   . MET A 1 19 ? 0.010  -1.785 11.837  1.00 0.00 ? 19 MET A O   1 
ATOM 166 C CB  . MET A 1 19 ? -0.236 -2.865 9.244   1.00 0.00 ? 19 MET A CB  1 
ATOM 167 C CG  . MET A 1 19 ? 0.204  -4.157 8.515   1.00 0.00 ? 19 MET A CG  1 
ATOM 168 S SD  . MET A 1 19 ? -1.213 -4.831 7.622   1.00 0.00 ? 19 MET A SD  1 
ATOM 169 C CE  . MET A 1 19 ? -0.487 -6.401 7.129   1.00 0.00 ? 19 MET A CE  1 
ATOM 170 N N   . GLU A 1 20 ? -2.195 -1.793 12.186  1.00 0.00 ? 20 GLU A N   1 
ATOM 171 C CA  . GLU A 1 20 ? -2.099 -1.068 13.452  1.00 0.00 ? 20 GLU A CA  1 
ATOM 172 C C   . GLU A 1 20 ? -1.392 0.255  13.265  1.00 0.00 ? 20 GLU A C   1 
ATOM 173 O O   . GLU A 1 20 ? -0.669 0.729  14.146  1.00 0.00 ? 20 GLU A O   1 
ATOM 174 C CB  . GLU A 1 20 ? -1.353 -1.967 14.478  1.00 0.00 ? 20 GLU A CB  1 
ATOM 175 C CG  . GLU A 1 20 ? -1.579 -3.511 14.376  1.00 0.00 ? 20 GLU A CG  1 
ATOM 176 C CD  . GLU A 1 20 ? -3.016 -4.031 14.279  1.00 0.00 ? 20 GLU A CD  1 
ATOM 177 O OE1 . GLU A 1 20 ? -3.922 -3.267 14.948  1.00 0.00 ? 20 GLU A OE1 1 
ATOM 178 O OE2 . GLU A 1 20 ? -3.318 -5.039 13.655  1.00 0.00 ? 20 GLU A OE2 1 
ATOM 179 N N   . VAL A 1 21 ? -1.617 0.885  12.128  1.00 0.00 ? 21 VAL A N   1 
ATOM 180 C CA  . VAL A 1 21 ? -0.963 2.141  11.771  1.00 0.00 ? 21 VAL A CA  1 
ATOM 181 C C   . VAL A 1 21 ? 0.513  2.106  12.092  1.00 0.00 ? 21 VAL A C   1 
ATOM 182 O O   . VAL A 1 21 ? 1.328  1.408  11.409  1.00 0.00 ? 21 VAL A O   1 
ATOM 183 C CB  . VAL A 1 21 ? -1.684 3.345  12.504  1.00 0.00 ? 21 VAL A CB  1 
ATOM 184 C CG1 . VAL A 1 21 ? -1.759 3.275  14.055  1.00 0.00 ? 21 VAL A CG1 1 
ATOM 185 C CG2 . VAL A 1 21 ? -1.066 4.729  12.189  1.00 0.00 ? 21 VAL A CG2 1 
ATOM 186 O OXT . VAL A 1 21 ? 0.959  2.787  13.066  1.00 0.00 ? 21 VAL A OXT 1 
# 
